data_7DOL
#
_entry.id   7DOL
#
_cell.length_a   75.414
_cell.length_b   96.085
_cell.length_c   117.160
_cell.angle_alpha   90.000
_cell.angle_beta   90.000
_cell.angle_gamma   90.000
#
_symmetry.space_group_name_H-M   'P 21 21 21'
#
loop_
_entity.id
_entity.type
_entity.pdbx_description
1 polymer 'Ribonuclease R'
2 polymer "RNA (5'-R(P*AP*AP*AP*AP*AP*A)-3')"
3 non-polymer 'MAGNESIUM ION'
4 water water
#
loop_
_entity_poly.entity_id
_entity_poly.type
_entity_poly.pdbx_seq_one_letter_code
_entity_poly.pdbx_strand_id
1 'polypeptide(L)'
;MGHHHHHHHHHHSSGHIDDDDKMKVLTELQKQIFTIVKKENGKPIPPGIVVRMMENSPNFPGKHLIYRAIDDLLDWAILR
KAGGVTNQLLVNYEPAEPLLDKKLQGILTLGNKNSGFIRSLDDDKTVYYVHYSNLTGALDGDLVEFCKLDKPQFGDKFDA
AVITILKRARILYAGNFLVDQNEFALEYKIVADNPRFYLTMIVNPDSIPNNLASNTKIAFQIDEYDPDNNLCKVSVQQVL
GNNDDPLINIKAIMLDNSIVFETNDVVEQHANKLSFDTEEQHKAYRQDLTDLAFVTVDPTTSKDLADAIYVKTIPTGFVL
YVAIADVAHYVNRNSEIDIEAKHKTSSIYLPGHYVVPMLPEQLSNQLCSLNPAQKRYVVVCEISFDNQGRIKTNKLYPAT
IISKNRFSYDQVNKWLNNKSELNCDETVINSLKAAFTLSDLIQAQRQKRGTIDLSHKETEIVVDEHYFPIKINFLVHDKA
ETMIENLMVVANETVAWVLTNNKIALPYRVHPRPSKKKLQSLIETVGELNITKPQFNLDTVTSSQIASWLNENKDNPSYE
IFVILLLRTLGKAFYSVNPLMHFSIGSNHYTHFTSPIRRYIDLTIHRLLWMHLFTPDQFTDNERDQLKQELEKIADTVND
TEIKIINCERNANDYLTTLLLSKQIGKTFSGFISAITSFGIFMRMDENNFDGLIKITTIPDDFFIFEKEKMVLKGRKTNK
VYKIGDRLEAKLSEIDFIQKRAILTLI
;
A
2 'polyribonucleotide' AAAAAA C
#
# COMPACT_ATOMS: atom_id res chain seq x y z
N ILE A 107 -22.23 7.57 -12.33
CA ILE A 107 -22.14 6.49 -11.35
C ILE A 107 -22.68 6.99 -10.00
N LEU A 108 -23.31 6.09 -9.26
CA LEU A 108 -24.13 6.43 -8.11
C LEU A 108 -23.43 6.08 -6.79
N THR A 109 -23.53 6.99 -5.83
CA THR A 109 -22.97 6.83 -4.49
C THR A 109 -24.08 6.85 -3.46
N LEU A 110 -24.04 5.91 -2.52
CA LEU A 110 -25.00 5.90 -1.41
C LEU A 110 -24.32 6.26 -0.09
N HIS A 131 -32.78 9.87 -4.85
CA HIS A 131 -33.57 9.78 -3.63
C HIS A 131 -33.81 8.32 -3.24
N TYR A 132 -34.22 8.11 -1.99
CA TYR A 132 -34.40 6.76 -1.47
C TYR A 132 -35.42 5.96 -2.28
N SER A 133 -36.39 6.61 -2.89
CA SER A 133 -37.40 5.90 -3.68
C SER A 133 -37.48 6.46 -5.10
N THR A 136 -34.82 2.76 -7.71
CA THR A 136 -35.01 1.84 -8.82
C THR A 136 -34.00 0.69 -8.71
N GLY A 137 -33.75 0.24 -7.48
CA GLY A 137 -32.93 -0.92 -7.24
C GLY A 137 -31.45 -0.78 -7.54
N ALA A 138 -30.97 0.43 -7.82
CA ALA A 138 -29.56 0.62 -8.08
C ALA A 138 -28.75 0.52 -6.78
N LEU A 139 -27.49 0.13 -6.91
CA LEU A 139 -26.60 -0.11 -5.78
C LEU A 139 -25.34 0.76 -5.88
N ASP A 140 -24.46 0.62 -4.90
CA ASP A 140 -23.33 1.53 -4.79
C ASP A 140 -22.31 1.26 -5.89
N GLY A 141 -21.93 2.32 -6.59
CA GLY A 141 -20.96 2.24 -7.65
C GLY A 141 -21.52 1.84 -9.00
N ASP A 142 -22.83 1.68 -9.13
CA ASP A 142 -23.41 1.31 -10.41
C ASP A 142 -23.40 2.50 -11.37
N ASP A 159 -32.25 17.50 -8.15
CA ASP A 159 -32.60 16.12 -7.82
C ASP A 159 -32.76 15.28 -9.08
N ALA A 160 -32.43 13.99 -8.98
CA ALA A 160 -32.51 13.09 -10.11
C ALA A 160 -33.14 11.78 -9.66
N ALA A 161 -33.52 10.96 -10.64
CA ALA A 161 -33.98 9.60 -10.42
C ALA A 161 -33.25 8.67 -11.38
N VAL A 162 -32.96 7.46 -10.93
CA VAL A 162 -32.30 6.49 -11.79
C VAL A 162 -33.33 5.94 -12.77
N ILE A 163 -32.94 5.87 -14.04
CA ILE A 163 -33.75 5.31 -15.11
C ILE A 163 -33.35 3.89 -15.46
N THR A 164 -32.06 3.65 -15.69
CA THR A 164 -31.61 2.30 -15.93
C THR A 164 -30.19 2.14 -15.41
N ILE A 165 -29.81 0.89 -15.23
CA ILE A 165 -28.46 0.53 -14.81
C ILE A 165 -27.69 0.13 -16.06
N LEU A 166 -26.60 0.84 -16.36
CA LEU A 166 -25.85 0.47 -17.55
C LEU A 166 -24.87 -0.66 -17.26
N LYS A 167 -24.27 -0.66 -16.07
CA LYS A 167 -23.33 -1.70 -15.69
C LYS A 167 -23.26 -1.73 -14.17
N ARG A 168 -23.48 -2.90 -13.58
CA ARG A 168 -23.37 -3.06 -12.14
C ARG A 168 -21.91 -2.88 -11.69
N ALA A 169 -21.74 -2.27 -10.51
CA ALA A 169 -20.39 -2.18 -9.95
C ALA A 169 -19.83 -3.55 -9.60
N ARG A 170 -20.69 -4.50 -9.24
CA ARG A 170 -20.29 -5.84 -8.82
C ARG A 170 -21.24 -6.87 -9.39
N ILE A 171 -20.72 -8.10 -9.44
CA ILE A 171 -21.52 -9.27 -9.75
C ILE A 171 -21.70 -10.20 -8.55
N LEU A 172 -20.79 -10.19 -7.57
CA LEU A 172 -20.94 -10.99 -6.36
C LEU A 172 -20.99 -10.09 -5.13
N TYR A 173 -21.83 -10.48 -4.17
CA TYR A 173 -21.97 -9.74 -2.93
C TYR A 173 -21.82 -10.72 -1.77
N ALA A 174 -21.20 -10.26 -0.68
CA ALA A 174 -21.06 -11.12 0.48
C ALA A 174 -22.28 -10.96 1.38
N GLY A 175 -22.60 -12.03 2.07
CA GLY A 175 -23.71 -11.97 3.00
C GLY A 175 -23.73 -13.18 3.90
N ASN A 176 -24.59 -13.10 4.91
CA ASN A 176 -24.83 -14.18 5.85
C ASN A 176 -26.11 -14.89 5.46
N PHE A 177 -26.05 -16.22 5.37
CA PHE A 177 -27.20 -17.02 5.00
C PHE A 177 -27.87 -17.51 6.28
N LEU A 178 -29.19 -17.35 6.36
CA LEU A 178 -30.01 -17.75 7.51
C LEU A 178 -31.19 -18.64 7.17
N VAL A 179 -31.43 -19.64 8.02
CA VAL A 179 -32.58 -20.53 7.89
C VAL A 179 -33.24 -20.67 9.26
N LEU A 186 -39.34 -24.40 6.01
CA LEU A 186 -38.11 -23.63 5.98
C LEU A 186 -38.25 -22.37 5.14
N GLU A 187 -37.69 -21.28 5.67
CA GLU A 187 -37.66 -19.96 5.06
C GLU A 187 -36.21 -19.50 5.00
N TYR A 188 -35.76 -19.06 3.82
CA TYR A 188 -34.37 -18.70 3.58
C TYR A 188 -34.27 -17.17 3.49
N LYS A 189 -33.18 -16.64 4.04
CA LYS A 189 -32.88 -15.22 4.04
C LYS A 189 -31.38 -15.00 3.92
N ILE A 190 -31.01 -13.90 3.28
CA ILE A 190 -29.63 -13.44 3.23
C ILE A 190 -29.59 -12.03 3.78
N VAL A 191 -28.66 -11.77 4.70
CA VAL A 191 -28.38 -10.42 5.21
C VAL A 191 -27.03 -10.03 4.64
N ALA A 192 -27.04 -9.06 3.73
CA ALA A 192 -25.80 -8.64 3.09
C ALA A 192 -24.86 -8.03 4.12
N ASP A 193 -23.56 -8.31 3.93
CA ASP A 193 -22.55 -7.75 4.81
C ASP A 193 -22.49 -6.23 4.68
N ASN A 194 -22.69 -5.73 3.47
CA ASN A 194 -22.57 -4.29 3.22
C ASN A 194 -23.87 -3.64 3.67
N PRO A 195 -23.84 -2.71 4.63
CA PRO A 195 -25.09 -2.05 5.07
C PRO A 195 -25.73 -1.16 4.03
N ARG A 196 -25.04 -0.83 2.94
CA ARG A 196 -25.63 -0.06 1.86
C ARG A 196 -26.42 -0.93 0.89
N PHE A 197 -26.34 -2.26 1.02
CA PHE A 197 -27.19 -3.16 0.26
C PHE A 197 -28.56 -3.17 0.92
N TYR A 198 -29.51 -2.43 0.33
CA TYR A 198 -30.79 -2.16 0.96
C TYR A 198 -31.94 -2.97 0.38
N LEU A 199 -31.71 -3.77 -0.65
CA LEU A 199 -32.79 -4.48 -1.31
C LEU A 199 -33.26 -5.68 -0.50
N THR A 200 -34.55 -5.94 -0.55
CA THR A 200 -35.11 -7.14 0.05
C THR A 200 -34.89 -8.31 -0.92
N MET A 201 -34.40 -9.43 -0.41
CA MET A 201 -33.93 -10.53 -1.25
C MET A 201 -34.83 -11.75 -1.10
N ILE A 202 -35.24 -12.33 -2.23
CA ILE A 202 -35.90 -13.63 -2.28
C ILE A 202 -34.87 -14.65 -2.76
N VAL A 203 -34.49 -15.59 -1.90
CA VAL A 203 -33.43 -16.54 -2.22
C VAL A 203 -33.97 -17.71 -3.04
N ASN A 204 -33.36 -17.94 -4.19
CA ASN A 204 -33.65 -19.07 -5.07
C ASN A 204 -33.25 -20.39 -4.43
N PRO A 205 -34.19 -21.27 -4.06
CA PRO A 205 -33.79 -22.51 -3.35
C PRO A 205 -32.94 -23.45 -4.18
N ASP A 206 -33.04 -23.43 -5.51
CA ASP A 206 -32.18 -24.28 -6.30
C ASP A 206 -30.70 -23.87 -6.30
N SER A 207 -30.33 -22.69 -5.79
CA SER A 207 -28.92 -22.30 -5.68
C SER A 207 -28.25 -22.66 -4.35
N ILE A 208 -29.01 -23.22 -3.41
CA ILE A 208 -28.57 -23.50 -2.04
C ILE A 208 -28.28 -24.99 -1.92
N PRO A 209 -27.05 -25.41 -1.61
CA PRO A 209 -26.89 -26.84 -1.35
C PRO A 209 -27.89 -27.16 -0.25
N ASN A 210 -28.45 -28.37 -0.33
CA ASN A 210 -29.48 -28.80 0.61
C ASN A 210 -29.07 -28.74 2.09
N ASN A 211 -27.84 -29.12 2.41
CA ASN A 211 -27.39 -29.20 3.78
C ASN A 211 -26.72 -27.93 4.31
N LEU A 212 -26.73 -26.84 3.55
CA LEU A 212 -26.08 -25.60 3.94
C LEU A 212 -26.85 -24.99 5.09
N ALA A 213 -26.19 -24.84 6.23
CA ALA A 213 -26.78 -24.45 7.49
C ALA A 213 -26.74 -22.93 7.70
N SER A 214 -27.61 -22.50 8.61
CA SER A 214 -27.67 -21.11 9.04
C SER A 214 -26.34 -20.59 9.56
N ASN A 215 -26.16 -19.27 9.42
CA ASN A 215 -25.00 -18.54 9.88
C ASN A 215 -23.73 -19.00 9.14
N THR A 216 -23.86 -19.14 7.82
CA THR A 216 -22.75 -19.40 6.92
C THR A 216 -22.53 -18.19 6.02
N LYS A 217 -21.30 -17.70 5.98
CA LYS A 217 -20.97 -16.65 5.03
C LYS A 217 -21.00 -17.18 3.61
N ILE A 218 -21.65 -16.44 2.72
CA ILE A 218 -21.79 -16.82 1.31
C ILE A 218 -21.54 -15.59 0.44
N ALA A 219 -21.36 -15.84 -0.84
CA ALA A 219 -21.46 -14.79 -1.86
C ALA A 219 -22.65 -15.09 -2.76
N PHE A 220 -23.43 -14.06 -3.08
CA PHE A 220 -24.58 -14.25 -3.94
C PHE A 220 -24.51 -13.28 -5.11
N GLN A 221 -25.21 -13.62 -6.20
CA GLN A 221 -25.38 -12.70 -7.32
C GLN A 221 -26.85 -12.42 -7.62
N ILE A 222 -27.08 -11.28 -8.28
CA ILE A 222 -28.42 -10.96 -8.77
C ILE A 222 -28.50 -11.42 -10.22
N ASP A 223 -29.42 -12.32 -10.54
CA ASP A 223 -29.58 -12.73 -11.93
C ASP A 223 -30.64 -11.86 -12.63
N GLU A 224 -31.69 -11.47 -11.91
CA GLU A 224 -32.76 -10.63 -12.43
C GLU A 224 -33.36 -9.84 -11.28
N TYR A 225 -34.01 -8.72 -11.63
CA TYR A 225 -34.72 -7.84 -10.69
C TYR A 225 -35.96 -7.22 -11.33
N ASP A 226 -36.93 -6.87 -10.45
CA ASP A 226 -38.25 -6.29 -10.71
C ASP A 226 -38.51 -4.88 -10.19
N PRO A 227 -38.44 -3.88 -11.04
CA PRO A 227 -38.56 -2.47 -10.58
C PRO A 227 -39.98 -2.10 -10.01
N ASP A 228 -41.06 -2.82 -10.35
CA ASP A 228 -42.42 -2.49 -9.82
C ASP A 228 -42.69 -2.97 -8.38
N ASN A 229 -41.92 -3.91 -7.81
CA ASN A 229 -42.24 -4.39 -6.47
C ASN A 229 -41.09 -4.23 -5.50
N ASN A 230 -39.98 -3.63 -5.94
CA ASN A 230 -38.79 -3.49 -5.12
C ASN A 230 -38.43 -4.85 -4.55
N LEU A 231 -38.54 -5.85 -5.43
CA LEU A 231 -38.22 -7.24 -5.19
C LEU A 231 -37.00 -7.60 -6.00
N CYS A 232 -36.15 -8.44 -5.45
CA CYS A 232 -35.09 -8.93 -6.29
C CYS A 232 -34.92 -10.40 -5.96
N LYS A 233 -34.45 -11.12 -6.95
CA LYS A 233 -34.05 -12.51 -6.84
C LYS A 233 -32.53 -12.62 -6.72
N VAL A 234 -32.06 -13.43 -5.78
CA VAL A 234 -30.63 -13.64 -5.58
C VAL A 234 -30.37 -15.13 -5.57
N SER A 235 -29.17 -15.52 -5.97
CA SER A 235 -28.74 -16.92 -6.00
C SER A 235 -27.39 -17.05 -5.32
N VAL A 236 -27.21 -18.13 -4.56
CA VAL A 236 -25.95 -18.38 -3.87
C VAL A 236 -24.92 -18.87 -4.89
N GLN A 237 -23.74 -18.24 -4.90
CA GLN A 237 -22.70 -18.64 -5.83
C GLN A 237 -21.47 -19.26 -5.18
N GLN A 238 -21.15 -18.90 -3.93
CA GLN A 238 -20.02 -19.49 -3.19
C GLN A 238 -20.37 -19.64 -1.72
N VAL A 239 -19.91 -20.73 -1.12
CA VAL A 239 -19.95 -20.90 0.33
C VAL A 239 -18.56 -20.64 0.88
N LEU A 240 -18.44 -19.66 1.77
CA LEU A 240 -17.13 -19.21 2.24
C LEU A 240 -16.75 -19.79 3.60
N GLY A 241 -17.72 -20.02 4.48
CA GLY A 241 -17.47 -20.66 5.76
C GLY A 241 -18.33 -20.04 6.84
N ASN A 242 -17.98 -20.38 8.10
CA ASN A 242 -18.75 -19.94 9.25
C ASN A 242 -18.74 -18.42 9.36
N ASN A 243 -19.93 -17.83 9.52
CA ASN A 243 -20.06 -16.38 9.49
C ASN A 243 -19.42 -15.69 10.68
N ASP A 244 -19.18 -16.42 11.78
CA ASP A 244 -18.54 -15.83 12.95
C ASP A 244 -17.02 -15.98 12.95
N ASP A 245 -16.44 -16.62 11.95
CA ASP A 245 -14.99 -16.84 11.88
C ASP A 245 -14.30 -15.59 11.38
N PRO A 246 -13.37 -14.99 12.14
CA PRO A 246 -12.78 -13.72 11.71
C PRO A 246 -12.00 -13.80 10.40
N LEU A 247 -11.34 -14.92 10.11
CA LEU A 247 -10.64 -15.04 8.83
C LEU A 247 -11.62 -15.12 7.68
N ILE A 248 -12.75 -15.82 7.88
CA ILE A 248 -13.79 -15.88 6.86
C ILE A 248 -14.35 -14.49 6.58
N ASN A 249 -14.51 -13.68 7.64
CA ASN A 249 -14.98 -12.31 7.45
C ASN A 249 -13.97 -11.48 6.68
N ILE A 250 -12.67 -11.72 6.91
CA ILE A 250 -11.66 -10.97 6.18
C ILE A 250 -11.70 -11.34 4.70
N LYS A 251 -11.91 -12.63 4.39
CA LYS A 251 -12.03 -13.04 2.99
C LYS A 251 -13.33 -12.51 2.37
N ALA A 252 -14.42 -12.48 3.15
CA ALA A 252 -15.65 -11.87 2.66
C ALA A 252 -15.44 -10.39 2.34
N ILE A 253 -14.68 -9.68 3.18
CA ILE A 253 -14.41 -8.28 2.92
C ILE A 253 -13.65 -8.13 1.60
N MET A 254 -12.67 -9.00 1.36
CA MET A 254 -11.93 -8.98 0.09
C MET A 254 -12.88 -9.21 -1.08
N LEU A 255 -13.77 -10.20 -0.97
CA LEU A 255 -14.74 -10.44 -2.03
C LEU A 255 -15.60 -9.21 -2.27
N ASP A 256 -16.07 -8.57 -1.20
CA ASP A 256 -16.88 -7.36 -1.37
C ASP A 256 -16.11 -6.21 -2.02
N ASN A 257 -14.78 -6.22 -1.96
CA ASN A 257 -13.99 -5.21 -2.65
C ASN A 257 -13.42 -5.67 -3.98
N SER A 258 -13.88 -6.81 -4.51
CA SER A 258 -13.46 -7.34 -5.82
C SER A 258 -11.99 -7.73 -5.86
N ILE A 259 -11.42 -8.15 -4.74
CA ILE A 259 -10.01 -8.49 -4.64
C ILE A 259 -9.86 -9.99 -4.68
N VAL A 260 -9.14 -10.50 -5.69
CA VAL A 260 -8.88 -11.93 -5.78
C VAL A 260 -7.94 -12.36 -4.67
N PHE A 261 -8.28 -13.49 -4.03
CA PHE A 261 -7.42 -14.08 -3.01
C PHE A 261 -7.26 -15.59 -3.10
N GLU A 262 -8.09 -16.29 -3.85
CA GLU A 262 -7.96 -17.74 -4.01
C GLU A 262 -6.83 -18.09 -4.96
N THR A 263 -6.12 -19.18 -4.64
CA THR A 263 -5.03 -19.64 -5.48
C THR A 263 -5.53 -20.01 -6.87
N ASN A 264 -4.73 -19.62 -7.87
CA ASN A 264 -4.95 -19.91 -9.28
C ASN A 264 -4.03 -21.08 -9.62
N ASP A 265 -4.60 -22.28 -9.73
CA ASP A 265 -3.77 -23.47 -9.88
C ASP A 265 -2.95 -23.41 -11.15
N VAL A 266 -3.54 -22.91 -12.24
CA VAL A 266 -2.80 -22.76 -13.49
C VAL A 266 -1.56 -21.88 -13.29
N VAL A 267 -1.72 -20.72 -12.63
CA VAL A 267 -0.60 -19.82 -12.44
C VAL A 267 0.50 -20.43 -11.56
N GLU A 268 0.14 -21.11 -10.46
CA GLU A 268 1.19 -21.73 -9.64
C GLU A 268 1.92 -22.84 -10.37
N GLN A 269 1.22 -23.60 -11.21
CA GLN A 269 1.92 -24.67 -11.93
C GLN A 269 2.95 -24.05 -12.86
N HIS A 270 2.59 -22.97 -13.55
CA HIS A 270 3.58 -22.26 -14.35
C HIS A 270 4.76 -21.80 -13.50
N ALA A 271 4.49 -21.26 -12.32
CA ALA A 271 5.58 -20.75 -11.47
C ALA A 271 6.49 -21.86 -10.96
N ASN A 272 5.94 -23.03 -10.64
CA ASN A 272 6.78 -24.14 -10.17
C ASN A 272 7.75 -24.65 -11.23
N LYS A 273 7.54 -24.34 -12.51
CA LYS A 273 8.42 -24.70 -13.59
C LYS A 273 9.68 -23.84 -13.63
N LEU A 274 9.65 -22.66 -13.00
CA LEU A 274 10.80 -21.76 -13.04
C LEU A 274 11.93 -22.25 -12.12
N SER A 275 13.15 -21.97 -12.54
CA SER A 275 14.35 -22.36 -11.82
C SER A 275 15.43 -21.31 -12.01
N PHE A 276 16.51 -21.47 -11.24
CA PHE A 276 17.67 -20.58 -11.27
C PHE A 276 18.62 -20.96 -12.41
N ASP A 277 18.72 -20.08 -13.41
CA ASP A 277 19.61 -20.28 -14.54
C ASP A 277 21.02 -19.80 -14.17
N THR A 278 21.93 -20.77 -13.98
CA THR A 278 23.30 -20.47 -13.56
C THR A 278 24.09 -19.71 -14.62
N GLU A 279 23.71 -19.81 -15.90
CA GLU A 279 24.47 -19.13 -16.95
C GLU A 279 24.13 -17.65 -17.08
N GLU A 280 23.02 -17.19 -16.50
CA GLU A 280 22.64 -15.79 -16.64
C GLU A 280 23.69 -14.87 -16.02
N GLN A 281 24.38 -15.34 -14.99
CA GLN A 281 25.39 -14.54 -14.29
C GLN A 281 26.62 -14.27 -15.15
N HIS A 282 26.81 -15.03 -16.21
CA HIS A 282 27.95 -14.86 -17.12
C HIS A 282 27.64 -13.97 -18.33
N LYS A 283 26.44 -13.38 -18.40
CA LYS A 283 26.16 -12.39 -19.43
C LYS A 283 27.10 -11.21 -19.29
N ALA A 284 27.56 -10.70 -20.44
CA ALA A 284 28.51 -9.59 -20.43
C ALA A 284 27.90 -8.37 -19.77
N TYR A 285 26.59 -8.19 -19.88
CA TYR A 285 25.91 -7.01 -19.34
C TYR A 285 25.69 -7.08 -17.83
N ARG A 286 25.92 -8.22 -17.18
CA ARG A 286 25.56 -8.39 -15.77
C ARG A 286 26.81 -8.41 -14.89
N GLN A 287 26.96 -7.38 -14.07
CA GLN A 287 28.14 -7.24 -13.22
C GLN A 287 28.06 -8.21 -12.05
N ASP A 288 29.14 -8.95 -11.81
CA ASP A 288 29.18 -9.89 -10.68
C ASP A 288 29.56 -9.10 -9.43
N LEU A 289 28.61 -8.90 -8.52
CA LEU A 289 28.83 -8.15 -7.29
C LEU A 289 28.77 -9.04 -6.06
N THR A 290 28.96 -10.36 -6.24
CA THR A 290 28.73 -11.33 -5.18
C THR A 290 29.71 -11.19 -4.03
N ASP A 291 30.78 -10.41 -4.21
CA ASP A 291 31.76 -10.19 -3.15
C ASP A 291 31.36 -9.06 -2.19
N LEU A 292 30.40 -8.22 -2.57
CA LEU A 292 30.05 -7.06 -1.76
C LEU A 292 29.10 -7.47 -0.64
N ALA A 293 29.26 -6.81 0.52
CA ALA A 293 28.51 -7.14 1.73
C ALA A 293 27.10 -6.55 1.73
N PHE A 294 26.32 -6.90 0.71
CA PHE A 294 24.91 -6.53 0.72
C PHE A 294 24.19 -7.18 1.89
N VAL A 295 23.15 -6.51 2.39
CA VAL A 295 22.26 -7.04 3.41
C VAL A 295 20.84 -6.54 3.14
N THR A 296 19.87 -7.22 3.74
CA THR A 296 18.48 -6.82 3.72
C THR A 296 18.03 -6.41 5.12
N VAL A 297 17.17 -5.40 5.19
CA VAL A 297 16.59 -4.94 6.46
C VAL A 297 15.09 -4.79 6.23
N ASP A 298 14.30 -5.58 6.94
CA ASP A 298 12.87 -5.70 6.68
C ASP A 298 12.14 -6.00 7.99
N PRO A 299 10.81 -5.88 8.01
CA PRO A 299 10.05 -6.38 9.16
C PRO A 299 10.33 -7.86 9.39
N THR A 300 10.29 -8.24 10.66
CA THR A 300 10.66 -9.59 11.09
C THR A 300 9.90 -10.68 10.34
N THR A 301 8.62 -10.47 10.06
CA THR A 301 7.81 -11.50 9.44
C THR A 301 7.87 -11.58 7.92
N SER A 302 8.50 -10.63 7.22
CA SER A 302 8.40 -10.66 5.77
C SER A 302 9.21 -11.81 5.17
N LYS A 303 8.62 -12.49 4.17
CA LYS A 303 9.32 -13.43 3.31
C LYS A 303 9.55 -12.95 1.89
N ASP A 304 9.11 -11.76 1.52
CA ASP A 304 9.36 -11.12 0.23
C ASP A 304 10.31 -9.93 0.40
N LEU A 305 11.58 -10.14 0.09
CA LEU A 305 12.60 -9.10 0.27
C LEU A 305 13.15 -8.75 -1.09
N ALA A 306 12.79 -7.56 -1.57
CA ALA A 306 13.05 -7.10 -2.92
C ALA A 306 14.28 -6.20 -3.03
N ASP A 307 14.81 -5.72 -1.91
CA ASP A 307 15.85 -4.72 -1.93
C ASP A 307 16.95 -5.06 -0.95
N ALA A 308 18.19 -4.84 -1.37
CA ALA A 308 19.37 -5.04 -0.55
C ALA A 308 20.26 -3.82 -0.76
N ILE A 309 21.05 -3.50 0.26
CA ILE A 309 21.86 -2.30 0.22
C ILE A 309 23.30 -2.60 0.60
N TYR A 310 24.21 -1.84 0.00
CA TYR A 310 25.61 -1.82 0.42
C TYR A 310 26.09 -0.39 0.22
N VAL A 311 26.77 0.15 1.22
CA VAL A 311 27.29 1.51 1.17
C VAL A 311 28.76 1.53 1.54
N LYS A 312 29.57 2.19 0.73
CA LYS A 312 31.01 2.25 0.96
C LYS A 312 31.37 3.71 1.18
N THR A 313 32.29 3.97 2.10
CA THR A 313 32.80 5.32 2.26
C THR A 313 34.04 5.47 1.39
N ILE A 314 34.16 6.62 0.74
CA ILE A 314 35.38 6.99 0.02
C ILE A 314 35.84 8.36 0.50
N PRO A 315 37.07 8.80 0.20
CA PRO A 315 37.51 10.12 0.68
C PRO A 315 36.63 11.25 0.19
N THR A 316 36.17 11.18 -1.07
CA THR A 316 35.33 12.23 -1.61
C THR A 316 33.86 12.12 -1.22
N GLY A 317 33.46 11.03 -0.56
CA GLY A 317 32.07 10.88 -0.17
C GLY A 317 31.63 9.44 0.05
N PHE A 318 30.60 9.02 -0.68
CA PHE A 318 29.97 7.73 -0.48
C PHE A 318 29.61 7.13 -1.83
N VAL A 319 29.51 5.81 -1.87
CA VAL A 319 28.93 5.10 -3.01
C VAL A 319 27.81 4.23 -2.45
N LEU A 320 26.62 4.42 -3.00
CA LEU A 320 25.44 3.66 -2.59
C LEU A 320 25.09 2.64 -3.66
N TYR A 321 24.89 1.39 -3.25
CA TYR A 321 24.40 0.35 -4.14
C TYR A 321 23.04 -0.06 -3.62
N VAL A 322 22.02 0.13 -4.43
CA VAL A 322 20.67 -0.35 -4.12
C VAL A 322 20.39 -1.48 -5.11
N ALA A 323 20.30 -2.70 -4.60
CA ALA A 323 20.09 -3.87 -5.44
C ALA A 323 18.64 -4.31 -5.30
N ILE A 324 17.94 -4.35 -6.43
CA ILE A 324 16.53 -4.67 -6.48
C ILE A 324 16.37 -5.99 -7.24
N ALA A 325 15.56 -6.90 -6.68
CA ALA A 325 15.33 -8.20 -7.30
C ALA A 325 14.92 -8.08 -8.76
N ASP A 326 15.54 -8.93 -9.59
CA ASP A 326 15.41 -8.88 -11.06
C ASP A 326 14.18 -9.67 -11.50
N VAL A 327 13.01 -9.14 -11.13
CA VAL A 327 11.75 -9.86 -11.34
C VAL A 327 11.46 -10.02 -12.83
N ALA A 328 11.80 -9.01 -13.64
CA ALA A 328 11.52 -9.08 -15.07
C ALA A 328 12.29 -10.22 -15.74
N HIS A 329 13.41 -10.64 -15.17
CA HIS A 329 14.13 -11.80 -15.70
C HIS A 329 13.31 -13.08 -15.58
N TYR A 330 12.49 -13.22 -14.54
CA TYR A 330 11.70 -14.44 -14.36
C TYR A 330 10.29 -14.38 -14.94
N VAL A 331 9.69 -13.19 -15.00
CA VAL A 331 8.29 -13.04 -15.41
C VAL A 331 8.28 -12.39 -16.79
N ASN A 332 8.03 -13.19 -17.83
CA ASN A 332 7.99 -12.63 -19.18
C ASN A 332 6.70 -11.86 -19.38
N ARG A 333 6.80 -10.75 -20.10
CA ARG A 333 5.63 -9.92 -20.37
C ARG A 333 4.59 -10.72 -21.14
N ASN A 334 3.34 -10.64 -20.69
CA ASN A 334 2.17 -11.29 -21.30
C ASN A 334 2.14 -12.80 -21.08
N SER A 335 3.00 -13.33 -20.20
CA SER A 335 2.87 -14.70 -19.75
C SER A 335 1.65 -14.83 -18.83
N GLU A 336 1.25 -16.08 -18.57
CA GLU A 336 0.14 -16.30 -17.65
C GLU A 336 0.41 -15.65 -16.30
N ILE A 337 1.64 -15.75 -15.80
CA ILE A 337 1.98 -15.17 -14.52
C ILE A 337 1.87 -13.65 -14.59
N ASP A 338 2.36 -13.06 -15.67
CA ASP A 338 2.31 -11.61 -15.85
C ASP A 338 0.87 -11.11 -15.89
N ILE A 339 0.00 -11.81 -16.62
CA ILE A 339 -1.38 -11.37 -16.76
C ILE A 339 -2.08 -11.36 -15.41
N GLU A 340 -1.86 -12.40 -14.60
CA GLU A 340 -2.44 -12.45 -13.27
C GLU A 340 -1.89 -11.33 -12.38
N ALA A 341 -0.58 -11.10 -12.44
CA ALA A 341 0.02 -10.01 -11.67
C ALA A 341 -0.56 -8.66 -12.08
N LYS A 342 -0.78 -8.47 -13.38
CA LYS A 342 -1.32 -7.20 -13.87
C LYS A 342 -2.75 -6.99 -13.36
N HIS A 343 -3.52 -8.08 -13.29
CA HIS A 343 -4.87 -8.02 -12.72
C HIS A 343 -4.83 -7.59 -11.25
N LYS A 344 -4.01 -8.26 -10.44
CA LYS A 344 -3.92 -7.92 -9.02
C LYS A 344 -3.35 -6.52 -8.83
N THR A 345 -2.26 -6.22 -9.53
CA THR A 345 -1.54 -4.93 -9.58
C THR A 345 -0.62 -4.72 -8.38
N SER A 346 -0.79 -5.50 -7.32
CA SER A 346 0.05 -5.35 -6.15
C SER A 346 -0.25 -6.47 -5.17
N SER A 347 0.64 -6.63 -4.20
CA SER A 347 0.42 -7.60 -3.14
C SER A 347 -0.47 -6.97 -2.10
N ILE A 348 -1.21 -7.80 -1.37
CA ILE A 348 -2.12 -7.33 -0.33
C ILE A 348 -1.58 -7.80 1.01
N TYR A 349 -1.54 -6.90 1.97
CA TYR A 349 -1.00 -7.17 3.30
C TYR A 349 -2.10 -6.88 4.30
N LEU A 350 -2.55 -7.91 5.00
CA LEU A 350 -3.60 -7.71 5.98
C LEU A 350 -3.02 -8.15 7.32
N PRO A 351 -3.70 -7.89 8.44
CA PRO A 351 -3.11 -8.24 9.74
C PRO A 351 -2.83 -9.72 9.88
N GLY A 352 -2.00 -10.05 10.87
CA GLY A 352 -1.55 -11.40 11.05
C GLY A 352 -0.63 -11.86 9.95
N HIS A 353 -0.07 -10.90 9.20
CA HIS A 353 0.78 -11.19 8.05
C HIS A 353 0.05 -12.09 7.06
N TYR A 354 -1.26 -11.89 6.91
CA TYR A 354 -1.98 -12.58 5.87
C TYR A 354 -1.73 -11.78 4.60
N VAL A 355 -1.14 -12.43 3.61
CA VAL A 355 -0.71 -11.77 2.39
C VAL A 355 -1.33 -12.45 1.19
N VAL A 356 -1.91 -11.65 0.28
CA VAL A 356 -2.24 -12.11 -1.05
C VAL A 356 -1.14 -11.60 -1.98
N PRO A 357 -0.24 -12.44 -2.44
CA PRO A 357 0.92 -11.98 -3.23
C PRO A 357 0.59 -11.68 -4.67
N MET A 358 1.28 -10.67 -5.23
CA MET A 358 1.04 -10.35 -6.63
C MET A 358 1.53 -11.48 -7.51
N LEU A 359 2.56 -12.19 -7.06
CA LEU A 359 3.23 -13.25 -7.77
C LEU A 359 3.17 -14.44 -6.82
N PRO A 360 3.21 -15.67 -7.32
CA PRO A 360 3.09 -16.80 -6.38
C PRO A 360 4.36 -16.94 -5.55
N GLU A 361 4.26 -17.83 -4.56
CA GLU A 361 5.27 -17.85 -3.50
C GLU A 361 6.65 -18.25 -4.02
N GLN A 362 6.72 -19.22 -4.94
CA GLN A 362 8.04 -19.68 -5.37
C GLN A 362 8.84 -18.56 -6.03
N LEU A 363 8.20 -17.51 -6.54
CA LEU A 363 8.96 -16.34 -6.96
C LEU A 363 9.09 -15.33 -5.83
N SER A 364 7.96 -14.94 -5.21
CA SER A 364 7.97 -13.80 -4.31
C SER A 364 8.77 -14.06 -3.04
N ASN A 365 8.86 -15.31 -2.60
CA ASN A 365 9.50 -15.66 -1.34
C ASN A 365 10.71 -16.56 -1.53
N GLN A 366 11.00 -16.99 -2.75
CA GLN A 366 12.10 -17.90 -3.03
C GLN A 366 13.01 -17.35 -4.13
N LEU A 367 12.63 -17.54 -5.40
CA LEU A 367 13.52 -17.33 -6.54
C LEU A 367 13.87 -15.86 -6.77
N CYS A 368 13.05 -14.91 -6.32
CA CYS A 368 13.35 -13.50 -6.51
C CYS A 368 13.62 -12.79 -5.19
N SER A 369 13.10 -13.32 -4.10
CA SER A 369 13.39 -12.88 -2.74
C SER A 369 14.88 -12.97 -2.44
N LEU A 370 15.48 -11.83 -2.07
CA LEU A 370 16.94 -11.75 -1.90
C LEU A 370 17.31 -12.31 -0.52
N ASN A 371 17.11 -13.62 -0.39
CA ASN A 371 17.31 -14.33 0.86
C ASN A 371 18.80 -14.48 1.16
N PRO A 372 19.18 -14.47 2.44
CA PRO A 372 20.60 -14.59 2.80
C PRO A 372 21.28 -15.83 2.22
N ALA A 373 22.53 -15.65 1.80
CA ALA A 373 23.46 -16.69 1.35
C ALA A 373 23.11 -17.28 0.00
N GLN A 374 22.13 -16.73 -0.70
CA GLN A 374 21.69 -17.21 -2.01
C GLN A 374 22.15 -16.26 -3.10
N LYS A 375 22.75 -16.81 -4.17
CA LYS A 375 23.00 -15.97 -5.34
C LYS A 375 21.67 -15.53 -5.94
N ARG A 376 21.56 -14.25 -6.26
CA ARG A 376 20.33 -13.69 -6.77
C ARG A 376 20.65 -12.67 -7.84
N TYR A 377 19.80 -12.62 -8.86
CA TYR A 377 19.93 -11.66 -9.94
C TYR A 377 19.13 -10.41 -9.61
N VAL A 378 19.75 -9.25 -9.85
CA VAL A 378 19.20 -7.98 -9.41
C VAL A 378 19.44 -6.93 -10.47
N VAL A 379 18.78 -5.79 -10.31
CA VAL A 379 19.07 -4.57 -11.03
C VAL A 379 19.57 -3.58 -10.01
N VAL A 380 20.75 -3.00 -10.24
CA VAL A 380 21.42 -2.16 -9.26
C VAL A 380 21.31 -0.71 -9.69
N CYS A 381 20.97 0.14 -8.73
CA CYS A 381 21.11 1.59 -8.86
C CYS A 381 22.30 1.98 -8.00
N GLU A 382 23.38 2.41 -8.65
CA GLU A 382 24.62 2.79 -7.97
C GLU A 382 24.76 4.30 -8.06
N ILE A 383 24.85 4.96 -6.90
CA ILE A 383 24.88 6.42 -6.84
C ILE A 383 26.10 6.86 -6.03
N SER A 384 26.88 7.76 -6.61
CA SER A 384 28.00 8.38 -5.91
C SER A 384 27.55 9.71 -5.32
N PHE A 385 27.93 9.95 -4.07
CA PHE A 385 27.57 11.16 -3.34
C PHE A 385 28.83 11.88 -2.91
N ASP A 386 28.74 13.19 -2.80
CA ASP A 386 29.82 13.91 -2.14
C ASP A 386 29.63 13.81 -0.62
N ASN A 387 30.54 14.43 0.12
CA ASN A 387 30.49 14.33 1.58
C ASN A 387 29.36 15.13 2.19
N GLN A 388 28.62 15.89 1.41
CA GLN A 388 27.41 16.57 1.88
C GLN A 388 26.13 15.82 1.50
N GLY A 389 26.24 14.65 0.87
CA GLY A 389 25.05 13.93 0.47
C GLY A 389 24.46 14.38 -0.84
N ARG A 390 25.20 15.16 -1.64
CA ARG A 390 24.74 15.61 -2.94
C ARG A 390 25.13 14.57 -3.99
N ILE A 391 24.19 14.23 -4.88
CA ILE A 391 24.46 13.24 -5.91
C ILE A 391 25.47 13.79 -6.92
N LYS A 392 26.48 12.98 -7.24
CA LYS A 392 27.40 13.40 -8.29
C LYS A 392 27.15 12.65 -9.59
N THR A 393 27.06 11.32 -9.52
CA THR A 393 26.88 10.47 -10.68
C THR A 393 26.03 9.28 -10.28
N ASN A 394 25.57 8.54 -11.30
CA ASN A 394 24.79 7.33 -11.06
C ASN A 394 25.02 6.38 -12.22
N LYS A 395 24.83 5.09 -11.95
CA LYS A 395 24.80 4.08 -13.00
C LYS A 395 23.74 3.06 -12.64
N LEU A 396 23.04 2.55 -13.66
CA LEU A 396 22.10 1.45 -13.52
C LEU A 396 22.57 0.25 -14.33
N TYR A 397 22.48 -0.94 -13.74
CA TYR A 397 22.94 -2.12 -14.47
C TYR A 397 22.45 -3.41 -13.81
N PRO A 398 22.26 -4.47 -14.58
CA PRO A 398 21.96 -5.78 -13.98
C PRO A 398 23.19 -6.31 -13.26
N ALA A 399 22.94 -7.08 -12.20
CA ALA A 399 24.06 -7.62 -11.43
C ALA A 399 23.65 -8.95 -10.81
N THR A 400 24.64 -9.59 -10.18
CA THR A 400 24.44 -10.75 -9.32
C THR A 400 24.97 -10.41 -7.94
N ILE A 401 24.21 -10.75 -6.90
CA ILE A 401 24.65 -10.55 -5.52
C ILE A 401 24.40 -11.81 -4.71
N ILE A 402 25.00 -11.83 -3.53
CA ILE A 402 24.66 -12.76 -2.45
C ILE A 402 24.46 -11.91 -1.20
N SER A 403 23.22 -11.83 -0.72
CA SER A 403 23.01 -11.12 0.53
C SER A 403 23.73 -11.87 1.65
N LYS A 404 24.42 -11.11 2.50
CA LYS A 404 25.18 -11.69 3.58
C LYS A 404 24.40 -11.84 4.87
N ASN A 405 23.34 -11.05 5.06
CA ASN A 405 22.58 -11.09 6.30
C ASN A 405 21.15 -10.63 6.02
N ARG A 406 20.21 -11.23 6.75
CA ARG A 406 18.81 -10.81 6.73
C ARG A 406 18.53 -10.21 8.11
N PHE A 407 18.47 -8.89 8.17
CA PHE A 407 18.21 -8.18 9.42
C PHE A 407 16.76 -7.71 9.49
N SER A 408 16.25 -7.63 10.71
CA SER A 408 14.99 -6.95 10.95
C SER A 408 15.26 -5.50 11.37
N TYR A 409 14.27 -4.64 11.14
CA TYR A 409 14.32 -3.29 11.70
C TYR A 409 14.60 -3.32 13.19
N ASP A 410 13.97 -4.25 13.91
CA ASP A 410 14.14 -4.33 15.35
C ASP A 410 15.59 -4.62 15.72
N GLN A 411 16.24 -5.53 14.99
CA GLN A 411 17.64 -5.85 15.29
C GLN A 411 18.54 -4.65 15.06
N VAL A 412 18.31 -3.92 13.96
CA VAL A 412 19.18 -2.80 13.61
C VAL A 412 18.98 -1.63 14.55
N ASN A 413 17.73 -1.35 14.92
CA ASN A 413 17.47 -0.25 15.85
C ASN A 413 18.07 -0.51 17.22
N LYS A 414 17.93 -1.72 17.75
CA LYS A 414 18.54 -2.03 19.04
C LYS A 414 20.08 -1.93 18.94
N TRP A 415 20.67 -2.38 17.83
CA TRP A 415 22.11 -2.20 17.62
C TRP A 415 22.47 -0.71 17.65
N LEU A 416 21.61 0.13 17.07
CA LEU A 416 21.88 1.57 17.05
C LEU A 416 22.00 2.11 18.46
N ASN A 417 21.11 1.71 19.37
CA ASN A 417 21.10 2.21 20.73
C ASN A 417 22.03 1.42 21.65
N ASN A 418 22.97 0.65 21.07
CA ASN A 418 23.95 -0.14 21.80
C ASN A 418 23.32 -1.12 22.80
N LYS A 419 22.04 -1.41 22.63
CA LYS A 419 21.32 -2.40 23.42
C LYS A 419 21.56 -3.84 22.97
N SER A 420 22.40 -4.06 21.96
CA SER A 420 22.58 -5.40 21.38
C SER A 420 23.71 -5.33 20.35
N GLU A 421 23.98 -6.47 19.72
CA GLU A 421 25.03 -6.57 18.74
C GLU A 421 24.61 -7.49 17.60
N LEU A 422 25.18 -7.25 16.43
CA LEU A 422 24.85 -7.96 15.22
C LEU A 422 25.92 -9.02 14.97
N ASN A 423 25.50 -10.27 14.76
CA ASN A 423 26.49 -11.32 14.48
C ASN A 423 26.75 -11.34 12.98
N CYS A 424 27.70 -10.50 12.56
CA CYS A 424 27.99 -10.35 11.14
C CYS A 424 29.43 -9.88 10.96
N ASP A 425 29.91 -10.01 9.73
CA ASP A 425 31.25 -9.56 9.38
C ASP A 425 31.40 -8.04 9.58
N GLU A 426 32.65 -7.62 9.81
CA GLU A 426 32.94 -6.21 9.96
C GLU A 426 32.64 -5.42 8.69
N THR A 427 32.76 -6.05 7.52
CA THR A 427 32.36 -5.37 6.29
C THR A 427 30.89 -5.01 6.32
N VAL A 428 30.05 -5.85 6.92
CA VAL A 428 28.63 -5.52 7.04
C VAL A 428 28.46 -4.37 8.03
N ILE A 429 29.15 -4.43 9.18
CA ILE A 429 29.08 -3.36 10.17
C ILE A 429 29.47 -2.03 9.54
N ASN A 430 30.54 -2.03 8.74
CA ASN A 430 31.02 -0.77 8.18
C ASN A 430 30.07 -0.24 7.12
N SER A 431 29.42 -1.15 6.37
CA SER A 431 28.44 -0.72 5.38
C SER A 431 27.21 -0.10 6.06
N LEU A 432 26.76 -0.70 7.16
CA LEU A 432 25.62 -0.15 7.89
C LEU A 432 25.94 1.21 8.49
N LYS A 433 27.15 1.37 9.04
CA LYS A 433 27.54 2.66 9.60
C LYS A 433 27.54 3.74 8.52
N ALA A 434 28.12 3.43 7.36
CA ALA A 434 28.10 4.38 6.25
C ALA A 434 26.68 4.62 5.74
N ALA A 435 25.82 3.59 5.77
CA ALA A 435 24.44 3.77 5.32
C ALA A 435 23.71 4.78 6.19
N PHE A 436 23.90 4.70 7.51
CA PHE A 436 23.22 5.65 8.39
C PHE A 436 23.78 7.05 8.23
N THR A 437 25.10 7.16 8.07
CA THR A 437 25.72 8.46 7.85
C THR A 437 25.20 9.06 6.56
N LEU A 438 25.22 8.29 5.48
CA LEU A 438 24.70 8.75 4.19
C LEU A 438 23.23 9.12 4.30
N SER A 439 22.46 8.31 5.03
CA SER A 439 21.02 8.55 5.14
C SER A 439 20.71 9.88 5.83
N ASP A 440 21.45 10.20 6.89
CA ASP A 440 21.26 11.49 7.56
C ASP A 440 21.57 12.64 6.61
N LEU A 441 22.63 12.51 5.82
CA LEU A 441 22.96 13.53 4.83
C LEU A 441 21.88 13.70 3.78
N ILE A 442 21.39 12.58 3.23
CA ILE A 442 20.32 12.64 2.24
C ILE A 442 19.08 13.30 2.81
N GLN A 443 18.72 12.95 4.05
CA GLN A 443 17.55 13.55 4.69
C GLN A 443 17.73 15.06 4.81
N ALA A 444 18.93 15.50 5.17
CA ALA A 444 19.18 16.93 5.33
C ALA A 444 19.12 17.64 3.99
N GLN A 445 19.62 17.01 2.93
CA GLN A 445 19.56 17.61 1.61
C GLN A 445 18.12 17.69 1.11
N ARG A 446 17.32 16.65 1.35
CA ARG A 446 15.94 16.68 0.88
C ARG A 446 15.12 17.71 1.62
N GLN A 447 15.41 17.90 2.91
CA GLN A 447 14.71 18.90 3.70
C GLN A 447 15.09 20.30 3.20
N LYS A 448 16.35 20.47 2.79
CA LYS A 448 16.82 21.75 2.26
C LYS A 448 16.15 22.09 0.94
N ARG A 449 16.04 21.11 0.04
CA ARG A 449 15.42 21.34 -1.26
C ARG A 449 13.90 21.41 -1.17
N GLY A 450 13.29 20.81 -0.15
CA GLY A 450 11.86 20.88 0.00
C GLY A 450 11.17 19.53 0.04
N THR A 451 10.52 19.22 1.15
CA THR A 451 9.79 17.97 1.30
C THR A 451 8.81 18.11 2.46
N ILE A 452 7.64 17.50 2.33
CA ILE A 452 6.54 17.65 3.27
C ILE A 452 6.45 16.38 4.10
N ASP A 453 6.76 16.47 5.38
CA ASP A 453 6.62 15.34 6.29
C ASP A 453 5.17 15.28 6.76
N LEU A 454 4.40 14.36 6.19
CA LEU A 454 2.98 14.20 6.49
C LEU A 454 2.75 13.05 7.47
N SER A 455 3.78 12.72 8.26
CA SER A 455 3.67 11.70 9.30
C SER A 455 2.57 12.04 10.28
N HIS A 456 1.85 11.01 10.71
CA HIS A 456 0.82 11.13 11.72
C HIS A 456 0.64 9.79 12.43
N LYS A 457 -0.24 9.78 13.42
CA LYS A 457 -0.51 8.57 14.19
C LYS A 457 -0.92 7.41 13.29
N GLU A 458 -0.30 6.25 13.47
CA GLU A 458 -0.69 5.05 12.75
C GLU A 458 -0.66 3.87 13.71
N THR A 459 -1.49 2.87 13.41
CA THR A 459 -1.64 1.73 14.30
C THR A 459 -1.65 0.45 13.48
N GLU A 460 -1.48 -0.67 14.17
CA GLU A 460 -1.69 -1.98 13.55
C GLU A 460 -2.42 -2.84 14.56
N ILE A 461 -3.21 -3.78 14.06
CA ILE A 461 -3.94 -4.70 14.92
C ILE A 461 -3.17 -6.02 14.93
N VAL A 462 -2.77 -6.48 16.12
CA VAL A 462 -2.16 -7.79 16.28
C VAL A 462 -3.23 -8.86 16.48
N VAL A 463 -3.17 -9.92 15.66
CA VAL A 463 -4.08 -11.05 15.80
C VAL A 463 -3.25 -12.29 16.12
N ASP A 464 -3.91 -13.27 16.74
CA ASP A 464 -3.29 -14.55 17.04
C ASP A 464 -3.38 -15.50 15.85
N GLU A 465 -3.01 -16.76 16.10
CA GLU A 465 -2.90 -17.78 15.05
C GLU A 465 -4.25 -18.15 14.47
N HIS A 466 -5.33 -17.90 15.20
CA HIS A 466 -6.68 -18.17 14.72
C HIS A 466 -7.37 -16.91 14.22
N TYR A 467 -6.58 -15.85 14.02
CA TYR A 467 -6.97 -14.57 13.44
C TYR A 467 -7.86 -13.75 14.38
N PHE A 468 -7.91 -14.10 15.66
CA PHE A 468 -8.60 -13.29 16.65
C PHE A 468 -7.72 -12.13 17.10
N PRO A 469 -8.26 -10.91 17.19
CA PRO A 469 -7.42 -9.76 17.52
C PRO A 469 -7.00 -9.76 18.98
N ILE A 470 -5.75 -9.40 19.21
CA ILE A 470 -5.15 -9.40 20.54
C ILE A 470 -5.03 -7.99 21.11
N LYS A 471 -4.46 -7.07 20.34
CA LYS A 471 -4.22 -5.72 20.82
C LYS A 471 -3.92 -4.81 19.65
N ILE A 472 -3.92 -3.51 19.92
CA ILE A 472 -3.58 -2.50 18.92
C ILE A 472 -2.26 -1.85 19.33
N ASN A 473 -1.33 -1.79 18.39
CA ASN A 473 -0.02 -1.18 18.57
C ASN A 473 0.08 0.13 17.79
N PHE A 474 0.74 1.14 18.35
CA PHE A 474 1.07 2.31 17.57
C PHE A 474 2.40 2.03 16.88
N LEU A 475 2.45 2.26 15.57
CA LEU A 475 3.69 2.10 14.83
C LEU A 475 4.68 3.25 15.06
N VAL A 476 5.97 2.90 15.02
CA VAL A 476 7.08 3.85 15.24
C VAL A 476 7.99 3.85 14.01
N HIS A 477 7.74 4.71 13.03
CA HIS A 477 8.68 4.80 11.92
C HIS A 477 10.04 5.20 12.50
N ASP A 478 10.84 4.23 12.96
CA ASP A 478 12.06 4.52 13.72
C ASP A 478 13.26 4.81 12.77
N LYS A 479 14.45 4.92 13.38
CA LYS A 479 15.71 5.17 12.67
C LYS A 479 16.04 4.17 11.57
N ALA A 480 15.95 2.86 11.84
CA ALA A 480 16.33 1.91 10.80
C ALA A 480 15.34 1.97 9.65
N GLU A 481 14.05 2.13 9.94
CA GLU A 481 13.06 2.23 8.88
C GLU A 481 13.31 3.50 8.07
N THR A 482 13.71 4.58 8.75
CA THR A 482 14.01 5.86 8.10
C THR A 482 15.23 5.75 7.20
N MET A 483 16.23 4.96 7.61
CA MET A 483 17.43 4.80 6.79
C MET A 483 17.08 4.13 5.48
N ILE A 484 16.29 3.05 5.54
CA ILE A 484 15.93 2.32 4.33
C ILE A 484 15.12 3.24 3.42
N GLU A 485 14.13 3.94 3.99
CA GLU A 485 13.31 4.84 3.19
C GLU A 485 14.13 5.92 2.50
N ASN A 486 15.16 6.44 3.16
CA ASN A 486 15.97 7.47 2.51
C ASN A 486 16.71 6.91 1.29
N LEU A 487 17.26 5.70 1.42
CA LEU A 487 17.99 5.11 0.30
C LEU A 487 17.07 4.67 -0.83
N MET A 488 15.86 4.18 -0.50
CA MET A 488 14.93 3.76 -1.54
C MET A 488 14.40 4.96 -2.33
N VAL A 489 14.11 6.06 -1.64
CA VAL A 489 13.60 7.27 -2.30
C VAL A 489 14.62 7.84 -3.28
N VAL A 490 15.90 7.86 -2.89
CA VAL A 490 16.89 8.43 -3.80
C VAL A 490 17.07 7.53 -5.02
N ALA A 491 16.97 6.21 -4.85
CA ALA A 491 17.03 5.31 -6.01
C ALA A 491 15.83 5.51 -6.93
N ASN A 492 14.62 5.52 -6.36
CA ASN A 492 13.40 5.78 -7.11
C ASN A 492 13.49 7.08 -7.89
N GLU A 493 13.92 8.14 -7.23
CA GLU A 493 14.02 9.45 -7.87
C GLU A 493 15.03 9.42 -9.00
N THR A 494 16.18 8.77 -8.75
CA THR A 494 17.22 8.68 -9.76
C THR A 494 16.75 7.93 -11.01
N VAL A 495 16.06 6.80 -10.81
CA VAL A 495 15.57 6.02 -11.94
C VAL A 495 14.57 6.81 -12.76
N ALA A 496 13.67 7.54 -12.08
CA ALA A 496 12.75 8.42 -12.78
C ALA A 496 13.50 9.39 -13.69
N TRP A 497 14.56 10.02 -13.16
CA TRP A 497 15.30 10.99 -13.96
C TRP A 497 16.07 10.33 -15.10
N VAL A 498 16.63 9.16 -14.87
CA VAL A 498 17.38 8.47 -15.94
C VAL A 498 16.46 8.16 -17.11
N LEU A 499 15.29 7.60 -16.82
CA LEU A 499 14.33 7.30 -17.89
C LEU A 499 13.86 8.58 -18.57
N THR A 500 13.59 9.63 -17.79
CA THR A 500 13.18 10.91 -18.36
C THR A 500 14.28 11.51 -19.23
N ASN A 501 15.52 11.51 -18.71
CA ASN A 501 16.65 12.08 -19.45
C ASN A 501 16.86 11.38 -20.78
N ASN A 502 16.57 10.08 -20.84
CA ASN A 502 16.72 9.28 -22.05
C ASN A 502 15.49 9.33 -22.95
N LYS A 503 14.50 10.16 -22.61
CA LYS A 503 13.28 10.32 -23.41
C LYS A 503 12.53 8.99 -23.53
N ILE A 504 12.39 8.30 -22.40
CA ILE A 504 11.63 7.05 -22.34
C ILE A 504 10.35 7.29 -21.56
N ALA A 505 9.21 7.06 -22.21
CA ALA A 505 7.93 7.17 -21.53
C ALA A 505 7.85 6.15 -20.40
N LEU A 506 7.35 6.59 -19.25
CA LEU A 506 7.25 5.71 -18.09
C LEU A 506 6.06 6.13 -17.27
N PRO A 507 5.58 5.24 -16.35
CA PRO A 507 4.59 5.66 -15.37
C PRO A 507 5.28 6.30 -14.17
N TYR A 508 5.09 7.61 -14.00
CA TYR A 508 5.57 8.31 -12.83
C TYR A 508 4.64 8.07 -11.63
N ARG A 509 5.21 8.23 -10.44
CA ARG A 509 4.40 8.38 -9.23
C ARG A 509 4.30 9.88 -8.95
N VAL A 510 3.07 10.41 -9.03
CA VAL A 510 2.85 11.85 -9.04
C VAL A 510 1.93 12.25 -7.89
N HIS A 511 2.03 13.52 -7.53
CA HIS A 511 1.25 14.15 -6.47
C HIS A 511 1.22 15.64 -6.78
N PRO A 512 0.23 16.14 -7.50
CA PRO A 512 0.28 17.51 -8.00
C PRO A 512 0.12 18.53 -6.88
N ARG A 513 0.58 19.75 -7.15
CA ARG A 513 0.31 20.86 -6.26
C ARG A 513 -1.20 21.08 -6.17
N PRO A 514 -1.75 21.34 -4.98
CA PRO A 514 -3.19 21.57 -4.88
C PRO A 514 -3.57 22.97 -5.33
N SER A 515 -4.82 23.10 -5.76
CA SER A 515 -5.33 24.34 -6.32
C SER A 515 -5.43 25.42 -5.24
N LYS A 516 -5.51 26.67 -5.69
CA LYS A 516 -5.72 27.78 -4.77
C LYS A 516 -7.05 27.67 -4.05
N LYS A 517 -8.10 27.21 -4.74
CA LYS A 517 -9.42 27.12 -4.11
C LYS A 517 -9.44 26.14 -2.95
N LYS A 518 -8.85 24.98 -3.14
CA LYS A 518 -8.81 23.96 -2.11
C LYS A 518 -7.99 24.42 -0.91
N LEU A 519 -6.87 25.07 -1.19
CA LEU A 519 -6.06 25.63 -0.13
C LEU A 519 -6.86 26.67 0.64
N GLN A 520 -7.56 27.55 -0.09
CA GLN A 520 -8.36 28.57 0.57
C GLN A 520 -9.42 27.94 1.49
N SER A 521 -10.10 26.90 1.00
CA SER A 521 -11.09 26.22 1.85
C SER A 521 -10.41 25.65 3.08
N LEU A 522 -9.28 24.97 2.88
CA LEU A 522 -8.52 24.41 4.00
C LEU A 522 -8.10 25.50 4.96
N ILE A 523 -7.59 26.62 4.43
CA ILE A 523 -7.12 27.71 5.27
C ILE A 523 -8.26 28.20 6.16
N GLU A 524 -9.48 28.20 5.59
CA GLU A 524 -10.65 28.68 6.32
C GLU A 524 -11.01 27.72 7.44
N THR A 525 -11.04 26.43 7.11
CA THR A 525 -11.39 25.40 8.08
C THR A 525 -10.42 25.40 9.26
N VAL A 526 -9.11 25.46 8.99
CA VAL A 526 -8.13 25.27 10.06
C VAL A 526 -7.89 26.55 10.86
N GLY A 527 -7.93 27.71 10.22
CA GLY A 527 -7.68 28.98 10.90
C GLY A 527 -8.50 29.13 12.16
N GLU A 528 -9.63 28.43 12.20
CA GLU A 528 -10.50 28.36 13.37
C GLU A 528 -9.90 27.59 14.53
N LEU A 529 -8.72 26.99 14.38
CA LEU A 529 -8.24 25.96 15.30
C LEU A 529 -6.83 26.24 15.81
N ASN A 530 -6.51 27.52 16.07
CA ASN A 530 -5.27 27.93 16.72
C ASN A 530 -4.03 27.49 15.95
N ILE A 531 -4.18 27.27 14.65
CA ILE A 531 -3.09 26.92 13.75
C ILE A 531 -2.76 28.17 12.97
N THR A 532 -1.46 28.50 12.82
CA THR A 532 -1.16 29.79 12.19
C THR A 532 -1.76 29.86 10.79
N LYS A 533 -2.05 31.07 10.38
CA LYS A 533 -2.40 31.36 9.00
C LYS A 533 -1.13 31.56 8.20
N PRO A 534 -0.92 30.85 7.09
CA PRO A 534 0.31 31.00 6.32
C PRO A 534 0.35 32.26 5.46
N GLN A 535 1.57 32.72 5.15
CA GLN A 535 1.81 33.95 4.40
C GLN A 535 2.13 33.75 2.93
N PHE A 536 2.32 32.52 2.47
CA PHE A 536 2.79 32.31 1.13
C PHE A 536 1.70 32.54 0.09
N ASN A 537 2.14 32.79 -1.14
CA ASN A 537 1.23 32.84 -2.28
C ASN A 537 0.71 31.44 -2.58
N LEU A 538 -0.61 31.33 -2.72
CA LEU A 538 -1.27 30.04 -2.86
C LEU A 538 -1.13 29.40 -4.24
N ASP A 539 -0.90 30.19 -5.28
CA ASP A 539 -0.66 29.64 -6.61
C ASP A 539 0.75 29.06 -6.76
N THR A 540 1.70 29.56 -5.98
CA THR A 540 3.11 29.32 -6.18
C THR A 540 3.70 28.49 -5.05
N VAL A 541 2.87 28.08 -4.08
CA VAL A 541 3.37 27.54 -2.83
C VAL A 541 4.25 26.34 -3.11
N THR A 542 5.41 26.32 -2.46
CA THR A 542 6.39 25.26 -2.60
C THR A 542 6.24 24.22 -1.50
N SER A 543 6.84 23.05 -1.74
CA SER A 543 6.90 22.03 -0.70
C SER A 543 7.53 22.58 0.56
N SER A 544 8.60 23.37 0.42
CA SER A 544 9.27 23.94 1.58
C SER A 544 8.31 24.82 2.38
N GLN A 545 7.47 25.58 1.70
CA GLN A 545 6.57 26.49 2.41
C GLN A 545 5.50 25.74 3.17
N ILE A 546 4.99 24.64 2.60
CA ILE A 546 4.05 23.80 3.36
C ILE A 546 4.77 23.19 4.55
N ALA A 547 5.99 22.70 4.35
CA ALA A 547 6.78 22.11 5.43
C ALA A 547 7.00 23.11 6.55
N SER A 548 7.36 24.35 6.20
CA SER A 548 7.61 25.39 7.19
C SER A 548 6.33 25.70 7.98
N TRP A 549 5.20 25.72 7.29
CA TRP A 549 3.94 25.95 7.96
C TRP A 549 3.66 24.87 8.99
N LEU A 550 3.80 23.60 8.60
CA LEU A 550 3.68 22.51 9.55
C LEU A 550 4.68 22.65 10.69
N ASN A 551 5.94 22.99 10.36
CA ASN A 551 7.00 23.01 11.36
C ASN A 551 6.76 24.06 12.43
N GLU A 552 6.28 25.25 12.04
CA GLU A 552 6.08 26.30 13.02
C GLU A 552 4.86 26.06 13.90
N ASN A 553 4.18 24.94 13.72
CA ASN A 553 3.03 24.52 14.50
C ASN A 553 3.21 23.16 15.17
N LYS A 554 4.43 22.64 15.18
CA LYS A 554 4.67 21.29 15.66
C LYS A 554 4.16 21.16 17.10
N ASP A 555 4.12 22.27 17.86
CA ASP A 555 3.65 22.36 19.25
C ASP A 555 2.15 22.57 19.42
N ASN A 556 1.37 22.74 18.36
CA ASN A 556 -0.05 22.95 18.57
C ASN A 556 -0.62 21.66 19.16
N PRO A 557 -1.39 21.72 20.23
CA PRO A 557 -2.08 20.52 20.73
C PRO A 557 -2.90 19.72 19.68
N SER A 558 -3.44 20.38 18.65
CA SER A 558 -4.24 19.75 17.60
C SER A 558 -3.46 19.52 16.31
N TYR A 559 -2.13 19.43 16.40
CA TYR A 559 -1.31 19.19 15.21
C TYR A 559 -1.71 17.92 14.49
N GLU A 560 -2.18 16.92 15.23
CA GLU A 560 -2.52 15.66 14.60
C GLU A 560 -3.68 15.83 13.63
N ILE A 561 -4.75 16.50 14.05
CA ILE A 561 -5.89 16.70 13.15
C ILE A 561 -5.53 17.65 12.01
N PHE A 562 -4.62 18.61 12.24
CA PHE A 562 -4.13 19.48 11.18
C PHE A 562 -3.58 18.68 9.99
N VAL A 563 -2.70 17.73 10.27
CA VAL A 563 -2.06 16.95 9.22
C VAL A 563 -3.08 16.14 8.43
N ILE A 564 -4.07 15.55 9.12
CA ILE A 564 -5.12 14.81 8.40
C ILE A 564 -5.80 15.67 7.34
N LEU A 565 -6.28 16.88 7.71
CA LEU A 565 -7.00 17.70 6.73
C LEU A 565 -6.09 18.18 5.60
N LEU A 566 -4.83 18.48 5.90
CA LEU A 566 -3.91 18.86 4.84
C LEU A 566 -3.73 17.73 3.83
N LEU A 567 -3.63 16.48 4.30
CA LEU A 567 -3.48 15.37 3.36
C LEU A 567 -4.65 15.23 2.38
N ARG A 568 -5.89 15.40 2.86
CA ARG A 568 -7.04 15.39 1.97
C ARG A 568 -7.00 16.55 1.01
N THR A 569 -6.63 17.73 1.52
CA THR A 569 -6.56 18.91 0.67
C THR A 569 -5.57 18.64 -0.43
N LEU A 570 -4.48 17.98 -0.07
CA LEU A 570 -3.41 17.62 -0.99
C LEU A 570 -3.87 16.53 -1.95
N GLY A 571 -4.82 15.69 -1.52
CA GLY A 571 -5.32 14.59 -2.31
C GLY A 571 -4.42 13.37 -2.42
N LYS A 572 -4.86 12.43 -3.27
CA LYS A 572 -4.20 11.15 -3.41
C LYS A 572 -3.05 11.22 -4.40
N ALA A 573 -1.95 10.53 -4.08
CA ALA A 573 -0.96 10.28 -5.10
C ALA A 573 -1.49 9.25 -6.08
N PHE A 574 -0.92 9.22 -7.28
CA PHE A 574 -1.35 8.25 -8.28
C PHE A 574 -0.24 8.09 -9.31
N TYR A 575 -0.45 7.19 -10.24
CA TYR A 575 0.50 6.96 -11.33
C TYR A 575 0.01 7.69 -12.57
N SER A 576 0.96 8.21 -13.35
CA SER A 576 0.63 8.97 -14.55
C SER A 576 1.82 8.92 -15.49
N VAL A 577 1.54 8.79 -16.79
CA VAL A 577 2.61 8.89 -17.77
C VAL A 577 2.99 10.34 -18.03
N ASN A 578 2.10 11.28 -17.72
CA ASN A 578 2.43 12.69 -17.85
C ASN A 578 3.37 13.12 -16.73
N PRO A 579 4.39 13.89 -17.04
CA PRO A 579 5.41 14.26 -16.04
C PRO A 579 4.95 15.32 -15.05
N LEU A 580 4.13 14.88 -14.09
CA LEU A 580 3.72 15.77 -13.03
C LEU A 580 4.65 15.64 -11.84
N MET A 581 4.65 16.68 -10.99
CA MET A 581 5.53 16.69 -9.84
C MET A 581 5.00 15.75 -8.78
N HIS A 582 5.85 15.46 -7.80
CA HIS A 582 5.41 14.83 -6.56
C HIS A 582 5.63 15.89 -5.49
N PHE A 583 4.54 16.56 -5.12
CA PHE A 583 4.61 17.77 -4.30
C PHE A 583 5.08 17.46 -2.89
N SER A 584 4.64 16.35 -2.32
CA SER A 584 4.97 16.05 -0.94
C SER A 584 6.36 15.43 -0.80
N ILE A 585 6.77 14.62 -1.79
CA ILE A 585 8.15 14.16 -1.82
C ILE A 585 9.11 15.30 -2.14
N GLY A 586 8.69 16.22 -2.99
CA GLY A 586 9.50 17.39 -3.28
C GLY A 586 10.30 17.31 -4.56
N SER A 587 9.94 16.42 -5.48
CA SER A 587 10.71 16.24 -6.70
C SER A 587 9.81 16.45 -7.92
N ASN A 588 10.42 16.90 -9.01
CA ASN A 588 9.70 17.05 -10.26
C ASN A 588 9.49 15.74 -11.01
N HIS A 589 10.23 14.70 -10.66
CA HIS A 589 10.08 13.40 -11.30
C HIS A 589 10.29 12.31 -10.26
N TYR A 590 9.35 11.36 -10.21
CA TYR A 590 9.44 10.29 -9.22
C TYR A 590 8.69 9.09 -9.79
N THR A 591 9.17 7.90 -9.46
CA THR A 591 8.48 6.67 -9.85
C THR A 591 8.75 5.60 -8.80
N HIS A 592 8.21 4.41 -9.03
CA HIS A 592 8.38 3.27 -8.14
C HIS A 592 9.19 2.21 -8.87
N PHE A 593 10.39 1.94 -8.35
CA PHE A 593 11.39 1.08 -8.98
C PHE A 593 11.84 -0.03 -8.05
N THR A 594 11.78 0.20 -6.74
CA THR A 594 12.47 -0.65 -5.78
C THR A 594 11.66 -1.86 -5.29
N SER A 595 10.40 -2.05 -5.74
CA SER A 595 9.56 -3.13 -5.21
C SER A 595 8.83 -3.94 -6.29
N PRO A 596 9.54 -4.47 -7.28
CA PRO A 596 8.86 -5.24 -8.35
C PRO A 596 8.27 -6.58 -7.91
N ILE A 597 8.63 -7.13 -6.75
CA ILE A 597 8.01 -8.38 -6.31
C ILE A 597 6.56 -8.18 -5.89
N ARG A 598 6.18 -6.95 -5.57
CA ARG A 598 4.87 -6.66 -4.97
C ARG A 598 4.14 -5.50 -5.58
N ARG A 599 4.69 -4.85 -6.61
CA ARG A 599 3.99 -3.78 -7.31
C ARG A 599 4.20 -3.97 -8.80
N TYR A 600 3.10 -3.90 -9.56
CA TYR A 600 3.21 -4.12 -11.00
C TYR A 600 3.89 -2.94 -11.69
N ILE A 601 3.75 -1.73 -11.14
CA ILE A 601 4.42 -0.56 -11.73
C ILE A 601 5.94 -0.74 -11.70
N ASP A 602 6.48 -1.17 -10.56
CA ASP A 602 7.91 -1.43 -10.47
C ASP A 602 8.36 -2.45 -11.50
N LEU A 603 7.57 -3.51 -11.69
CA LEU A 603 7.87 -4.49 -12.73
C LEU A 603 7.91 -3.85 -14.11
N THR A 604 6.95 -2.96 -14.38
CA THR A 604 6.94 -2.25 -15.65
C THR A 604 8.19 -1.37 -15.78
N ILE A 605 8.60 -0.72 -14.70
CA ILE A 605 9.78 0.13 -14.75
C ILE A 605 11.01 -0.71 -15.10
N HIS A 606 11.17 -1.87 -14.45
CA HIS A 606 12.27 -2.77 -14.81
C HIS A 606 12.22 -3.16 -16.28
N ARG A 607 11.02 -3.49 -16.78
CA ARG A 607 10.89 -3.85 -18.18
C ARG A 607 11.37 -2.71 -19.09
N LEU A 608 11.02 -1.46 -18.75
CA LEU A 608 11.47 -0.34 -19.57
C LEU A 608 12.99 -0.23 -19.59
N LEU A 609 13.63 -0.39 -18.43
CA LEU A 609 15.09 -0.35 -18.36
C LEU A 609 15.71 -1.44 -19.23
N TRP A 610 15.18 -2.66 -19.12
CA TRP A 610 15.72 -3.78 -19.89
C TRP A 610 15.57 -3.54 -21.39
N MET A 611 14.39 -3.06 -21.81
CA MET A 611 14.07 -2.95 -23.23
C MET A 611 14.73 -1.74 -23.89
N HIS A 612 15.06 -0.70 -23.13
CA HIS A 612 15.62 0.51 -23.69
C HIS A 612 17.08 0.74 -23.36
N LEU A 613 17.55 0.34 -22.18
CA LEU A 613 18.89 0.67 -21.73
C LEU A 613 19.81 -0.53 -21.58
N PHE A 614 19.34 -1.65 -21.02
CA PHE A 614 20.24 -2.77 -20.73
C PHE A 614 20.51 -3.63 -21.96
N THR A 615 19.44 -4.16 -22.59
CA THR A 615 19.57 -5.04 -23.74
C THR A 615 18.58 -4.68 -24.83
N PRO A 616 18.65 -3.45 -25.36
CA PRO A 616 17.71 -3.07 -26.40
C PRO A 616 17.80 -3.97 -27.63
N ASP A 617 18.98 -4.55 -27.93
CA ASP A 617 19.09 -5.42 -29.10
C ASP A 617 18.27 -6.69 -29.03
N GLN A 618 17.83 -7.12 -27.83
CA GLN A 618 17.00 -8.31 -27.71
C GLN A 618 15.53 -8.03 -27.81
N PHE A 619 15.18 -6.80 -28.18
CA PHE A 619 13.79 -6.45 -28.36
C PHE A 619 13.65 -5.64 -29.65
N THR A 620 12.47 -5.71 -30.23
CA THR A 620 12.12 -5.03 -31.46
C THR A 620 11.50 -3.67 -31.15
N ASP A 621 11.50 -2.80 -32.17
CA ASP A 621 10.85 -1.51 -32.02
C ASP A 621 9.35 -1.67 -31.78
N ASN A 622 8.76 -2.76 -32.30
CA ASN A 622 7.35 -3.01 -32.07
C ASN A 622 7.08 -3.50 -30.65
N GLU A 623 8.03 -4.22 -30.06
CA GLU A 623 7.94 -4.59 -28.66
C GLU A 623 7.98 -3.37 -27.74
N ARG A 624 8.91 -2.44 -28.01
CA ARG A 624 8.99 -1.21 -27.23
C ARG A 624 7.73 -0.37 -27.37
N ASP A 625 7.21 -0.25 -28.59
CA ASP A 625 5.99 0.51 -28.82
C ASP A 625 4.76 -0.18 -28.27
N GLN A 626 4.75 -1.51 -28.28
CA GLN A 626 3.65 -2.25 -27.69
C GLN A 626 3.52 -1.93 -26.19
N LEU A 627 4.64 -1.92 -25.48
CA LEU A 627 4.61 -1.58 -24.05
C LEU A 627 4.27 -0.11 -23.83
N LYS A 628 4.88 0.78 -24.61
CA LYS A 628 4.60 2.21 -24.51
C LYS A 628 3.12 2.51 -24.64
N GLN A 629 2.46 1.91 -25.63
CA GLN A 629 1.03 2.15 -25.86
C GLN A 629 0.18 1.65 -24.69
N GLU A 630 0.66 0.67 -23.94
CA GLU A 630 -0.09 0.11 -22.83
C GLU A 630 0.13 0.86 -21.51
N LEU A 631 1.11 1.76 -21.43
CA LEU A 631 1.48 2.34 -20.14
C LEU A 631 0.31 3.05 -19.48
N GLU A 632 -0.45 3.83 -20.25
CA GLU A 632 -1.54 4.59 -19.63
C GLU A 632 -2.64 3.67 -19.11
N LYS A 633 -2.87 2.52 -19.78
CA LYS A 633 -3.87 1.59 -19.28
C LYS A 633 -3.38 0.88 -18.02
N ILE A 634 -2.08 0.55 -17.97
CA ILE A 634 -1.52 -0.03 -16.75
C ILE A 634 -1.67 0.93 -15.59
N ALA A 635 -1.31 2.20 -15.78
CA ALA A 635 -1.44 3.18 -14.70
C ALA A 635 -2.89 3.30 -14.24
N ASP A 636 -3.84 3.33 -15.18
CA ASP A 636 -5.25 3.42 -14.85
C ASP A 636 -5.69 2.23 -14.02
N THR A 637 -5.32 1.02 -14.44
CA THR A 637 -5.71 -0.19 -13.71
C THR A 637 -5.11 -0.19 -12.31
N VAL A 638 -3.83 0.20 -12.18
CA VAL A 638 -3.20 0.24 -10.87
C VAL A 638 -3.86 1.27 -9.98
N ASN A 639 -4.20 2.44 -10.55
CA ASN A 639 -4.86 3.48 -9.77
C ASN A 639 -6.24 3.03 -9.30
N ASP A 640 -7.03 2.45 -10.21
CA ASP A 640 -8.36 1.98 -9.84
C ASP A 640 -8.30 0.90 -8.77
N THR A 641 -7.34 -0.03 -8.89
CA THR A 641 -7.22 -1.12 -7.94
C THR A 641 -6.67 -0.65 -6.59
N GLU A 642 -5.82 0.38 -6.60
CA GLU A 642 -5.31 0.90 -5.32
C GLU A 642 -6.45 1.43 -4.46
N ILE A 643 -7.44 2.08 -5.07
CA ILE A 643 -8.61 2.53 -4.31
C ILE A 643 -9.32 1.36 -3.65
N LYS A 644 -9.50 0.26 -4.38
CA LYS A 644 -10.16 -0.92 -3.82
C LYS A 644 -9.35 -1.52 -2.67
N ILE A 645 -8.03 -1.56 -2.82
CA ILE A 645 -7.17 -2.14 -1.80
C ILE A 645 -7.23 -1.33 -0.51
N ILE A 646 -7.19 0.00 -0.63
CA ILE A 646 -7.30 0.87 0.54
C ILE A 646 -8.63 0.68 1.24
N ASN A 647 -9.72 0.54 0.47
CA ASN A 647 -11.03 0.32 1.07
C ASN A 647 -11.11 -1.01 1.78
N CYS A 648 -10.56 -2.07 1.16
CA CYS A 648 -10.50 -3.38 1.79
C CYS A 648 -9.78 -3.39 3.12
N GLU A 649 -8.57 -2.79 3.19
CA GLU A 649 -7.86 -2.70 4.46
C GLU A 649 -8.66 -1.91 5.50
N ARG A 650 -9.27 -0.81 5.09
CA ARG A 650 -10.10 -0.04 6.02
C ARG A 650 -11.29 -0.86 6.52
N ASN A 651 -12.00 -1.54 5.62
CA ASN A 651 -13.08 -2.42 6.07
C ASN A 651 -12.55 -3.43 7.07
N ALA A 652 -11.41 -4.05 6.75
CA ALA A 652 -10.86 -5.12 7.59
C ALA A 652 -10.38 -4.58 8.94
N ASN A 653 -9.76 -3.41 8.96
CA ASN A 653 -9.34 -2.85 10.24
C ASN A 653 -10.53 -2.48 11.10
N ASP A 654 -11.59 -1.93 10.49
CA ASP A 654 -12.82 -1.65 11.23
C ASP A 654 -13.44 -2.92 11.78
N TYR A 655 -13.46 -4.00 10.98
CA TYR A 655 -14.04 -5.26 11.45
C TYR A 655 -13.27 -5.79 12.66
N LEU A 656 -11.95 -5.84 12.56
CA LEU A 656 -11.15 -6.43 13.62
C LEU A 656 -11.10 -5.54 14.85
N THR A 657 -11.02 -4.22 14.66
CA THR A 657 -10.95 -3.32 15.80
C THR A 657 -12.23 -3.36 16.62
N THR A 658 -13.39 -3.39 15.93
CA THR A 658 -14.65 -3.48 16.66
C THR A 658 -14.86 -4.87 17.26
N LEU A 659 -14.32 -5.91 16.62
CA LEU A 659 -14.32 -7.23 17.25
C LEU A 659 -13.54 -7.20 18.56
N LEU A 660 -12.39 -6.54 18.55
CA LEU A 660 -11.60 -6.39 19.78
C LEU A 660 -12.34 -5.53 20.80
N LEU A 661 -12.95 -4.43 20.35
CA LEU A 661 -13.65 -3.54 21.27
C LEU A 661 -14.94 -4.16 21.82
N SER A 662 -15.51 -5.15 21.12
CA SER A 662 -16.71 -5.80 21.62
C SER A 662 -16.46 -6.57 22.92
N LYS A 663 -15.21 -6.89 23.21
CA LYS A 663 -14.84 -7.51 24.48
C LYS A 663 -14.62 -6.48 25.59
N GLN A 664 -14.90 -5.19 25.33
CA GLN A 664 -14.49 -4.13 26.24
C GLN A 664 -15.62 -3.17 26.59
N ILE A 665 -16.87 -3.56 26.37
CA ILE A 665 -17.97 -2.80 26.97
C ILE A 665 -17.83 -2.93 28.49
N GLY A 666 -17.51 -1.83 29.15
CA GLY A 666 -17.06 -1.90 30.52
C GLY A 666 -15.88 -1.00 30.79
N LYS A 667 -15.25 -0.49 29.73
CA LYS A 667 -14.11 0.42 29.78
C LYS A 667 -14.45 1.84 29.32
N THR A 668 -13.85 2.83 30.00
CA THR A 668 -13.94 4.24 29.63
C THR A 668 -12.70 4.67 28.85
N PHE A 669 -12.87 5.68 27.99
CA PHE A 669 -11.81 6.11 27.08
C PHE A 669 -11.71 7.64 27.04
N SER A 670 -10.49 8.12 26.82
CA SER A 670 -10.20 9.53 26.59
C SER A 670 -9.80 9.77 25.14
N GLY A 671 -9.95 11.00 24.68
CA GLY A 671 -9.63 11.31 23.30
C GLY A 671 -10.17 12.67 22.88
N PHE A 672 -10.10 12.91 21.58
CA PHE A 672 -10.58 14.16 20.98
C PHE A 672 -11.55 13.86 19.84
N ILE A 673 -11.97 14.89 19.11
CA ILE A 673 -12.91 14.72 17.99
C ILE A 673 -12.15 14.77 16.68
N SER A 674 -12.37 13.76 15.84
CA SER A 674 -11.84 13.74 14.49
C SER A 674 -12.76 14.41 13.48
N ALA A 675 -14.07 14.36 13.71
CA ALA A 675 -15.04 14.95 12.80
C ALA A 675 -16.33 15.29 13.53
N PHE A 679 -24.10 13.77 11.24
CA PHE A 679 -25.16 13.21 12.07
C PHE A 679 -24.76 13.16 13.54
N GLY A 680 -23.47 13.14 13.81
CA GLY A 680 -23.03 13.05 15.19
C GLY A 680 -21.54 13.32 15.33
N ILE A 681 -21.08 13.22 16.58
CA ILE A 681 -19.70 13.52 16.93
C ILE A 681 -18.88 12.24 16.88
N PHE A 682 -17.76 12.29 16.16
CA PHE A 682 -16.76 11.22 16.20
C PHE A 682 -15.75 11.56 17.29
N MET A 683 -15.40 10.58 18.12
CA MET A 683 -14.36 10.75 19.11
C MET A 683 -13.29 9.69 18.89
N ARG A 684 -12.05 10.13 18.71
CA ARG A 684 -10.92 9.22 18.54
C ARG A 684 -10.28 8.93 19.88
N MET A 685 -10.35 7.67 20.29
CA MET A 685 -9.83 7.25 21.58
C MET A 685 -8.30 7.21 21.54
N ASP A 686 -7.68 7.67 22.63
CA ASP A 686 -6.23 7.75 22.68
C ASP A 686 -5.58 6.38 22.60
N GLU A 687 -6.17 5.38 23.24
CA GLU A 687 -5.52 4.09 23.38
C GLU A 687 -5.50 3.28 22.10
N ASN A 688 -6.44 3.52 21.19
CA ASN A 688 -6.56 2.69 19.99
C ASN A 688 -6.60 3.48 18.68
N ASN A 689 -6.66 4.81 18.72
CA ASN A 689 -6.68 5.66 17.53
C ASN A 689 -7.90 5.42 16.65
N PHE A 690 -8.95 4.81 17.21
CA PHE A 690 -10.17 4.48 16.49
C PHE A 690 -11.27 5.45 16.90
N ASP A 691 -12.08 5.86 15.92
CA ASP A 691 -13.15 6.82 16.17
C ASP A 691 -14.41 6.11 16.63
N GLY A 692 -14.93 6.48 17.80
CA GLY A 692 -16.26 6.05 18.12
C GLY A 692 -17.29 7.08 17.70
N LEU A 693 -18.53 6.65 17.51
CA LEU A 693 -19.57 7.57 17.05
C LEU A 693 -20.47 7.94 18.22
N ILE A 694 -20.89 9.21 18.26
CA ILE A 694 -21.95 9.63 19.18
C ILE A 694 -23.09 10.32 18.42
N ILE A 724 -14.38 20.23 15.58
CA ILE A 724 -13.23 19.40 15.45
C ILE A 724 -12.04 19.87 16.35
N GLY A 725 -11.43 18.89 17.05
CA GLY A 725 -10.33 19.16 17.93
C GLY A 725 -10.64 19.24 19.41
N ASP A 726 -11.91 19.38 19.82
CA ASP A 726 -12.18 19.49 21.25
C ASP A 726 -11.79 18.21 21.98
N ARG A 727 -11.25 18.35 23.19
CA ARG A 727 -10.92 17.18 24.01
C ARG A 727 -12.12 16.69 24.80
N LEU A 728 -12.30 15.37 24.82
CA LEU A 728 -13.44 14.77 25.50
C LEU A 728 -12.99 13.49 26.22
N GLU A 729 -13.82 13.01 27.17
CA GLU A 729 -13.70 11.66 27.75
C GLU A 729 -15.03 10.93 27.61
N ALA A 730 -14.97 9.65 27.23
CA ALA A 730 -16.20 8.91 26.96
C ALA A 730 -16.08 7.41 27.18
N LYS A 731 -17.24 6.81 27.44
CA LYS A 731 -17.48 5.40 27.74
C LYS A 731 -17.98 4.63 26.52
N LEU A 732 -17.41 3.43 26.26
CA LEU A 732 -17.88 2.48 25.23
C LEU A 732 -19.17 1.75 25.61
N SER A 733 -20.28 2.08 24.95
CA SER A 733 -21.59 1.52 25.29
C SER A 733 -22.03 0.34 24.43
N GLU A 734 -21.68 0.29 23.14
CA GLU A 734 -22.04 -0.87 22.32
C GLU A 734 -21.19 -0.87 21.05
N ILE A 735 -21.12 -2.05 20.42
CA ILE A 735 -20.60 -2.18 19.06
C ILE A 735 -21.79 -2.36 18.13
N ASP A 736 -21.86 -1.53 17.09
CA ASP A 736 -22.84 -1.68 16.00
C ASP A 736 -22.21 -2.57 14.94
N PHE A 737 -22.59 -3.84 14.91
CA PHE A 737 -21.99 -4.79 13.98
C PHE A 737 -22.51 -4.64 12.55
N ILE A 738 -23.70 -4.06 12.37
CA ILE A 738 -24.19 -3.79 11.02
C ILE A 738 -23.28 -2.78 10.32
N GLN A 739 -23.00 -1.65 10.97
CA GLN A 739 -22.17 -0.59 10.40
C GLN A 739 -20.70 -0.67 10.80
N LYS A 740 -20.31 -1.60 11.68
CA LYS A 740 -18.93 -1.71 12.15
C LYS A 740 -18.47 -0.41 12.80
N ARG A 741 -19.19 -0.01 13.83
CA ARG A 741 -18.91 1.24 14.52
C ARG A 741 -18.99 1.04 16.01
N ALA A 742 -18.23 1.85 16.74
CA ALA A 742 -18.19 1.84 18.19
C ALA A 742 -19.02 3.01 18.70
N ILE A 743 -19.99 2.72 19.56
CA ILE A 743 -20.87 3.73 20.13
C ILE A 743 -20.37 4.05 21.53
N LEU A 744 -20.21 5.34 21.81
CA LEU A 744 -19.66 5.87 23.05
C LEU A 744 -20.67 6.74 23.78
N THR A 745 -20.54 6.79 25.11
CA THR A 745 -21.35 7.70 25.92
C THR A 745 -20.57 8.66 26.79
N LEU A 746 -21.03 9.90 26.77
CA LEU A 746 -20.38 10.98 27.49
C LEU A 746 -20.44 10.76 28.99
N ILE A 747 -19.34 11.03 29.66
CA ILE A 747 -19.28 10.96 31.10
C ILE A 747 -20.32 11.90 31.74
#